data_4DHO
#
_entry.id   4DHO
#
_cell.length_a   81.940
_cell.length_b   111.690
_cell.length_c   62.290
_cell.angle_alpha   90.000
_cell.angle_beta   90.000
_cell.angle_gamma   90.000
#
_symmetry.space_group_name_H-M   'C 2 2 21'
#
loop_
_entity.id
_entity.type
_entity.pdbx_description
1 polymer '14-3-3 protein sigma'
2 non-polymer 'MAGNESIUM ION'
3 non-polymer 'CHLORIDE ION'
4 non-polymer GLYCEROL
5 non-polymer '(2-{2-[(3-methoxyphenyl)amino]-2-oxoethoxy}phenyl)phosphonic acid'
6 water water
#
_entity_poly.entity_id   1
_entity_poly.type   'polypeptide(L)'
_entity_poly.pdbx_seq_one_letter_code
;AMGSMERASLIQKAKLAEQAERYEDMAAFMKGAVEKGEELSCEERNLLSVAYKNVVGGQRAAWRVLSSIEQKSNEEGSEE
KGPEVREYREKVETELQGVCDTVLGLLDSHLIKEAGDAESRVFYLKMKGDYYRYLAEVATGDDKKRIIDSARSAYQEAMD
ISKKEMPPTNPIRLGLALNFSVFHYEIANSPEEAISLAKTTFDEAMADLHTLSEDSYKDSTLIMQLLRDNLTLWT
;
_entity_poly.pdbx_strand_id   A
#
# COMPACT_ATOMS: atom_id res chain seq x y z
N ALA A 1 21.11 8.94 7.76
CA ALA A 1 21.64 10.34 7.67
C ALA A 1 20.74 11.32 8.40
N MET A 2 19.64 10.83 8.97
CA MET A 2 18.76 11.70 9.73
C MET A 2 18.93 11.52 11.24
N GLY A 3 19.96 10.74 11.61
CA GLY A 3 20.20 10.41 13.02
C GLY A 3 20.40 11.60 13.95
N SER A 4 20.88 12.72 13.39
CA SER A 4 21.15 13.89 14.24
C SER A 4 19.98 14.85 14.32
N MET A 5 18.90 14.58 13.57
CA MET A 5 17.75 15.49 13.60
C MET A 5 16.68 15.02 14.58
N GLU A 6 16.16 15.97 15.36
CA GLU A 6 15.01 15.69 16.28
C GLU A 6 13.83 15.02 15.60
N ARG A 7 13.22 14.07 16.31
CA ARG A 7 12.04 13.42 15.77
C ARG A 7 11.01 14.46 15.35
N ALA A 8 10.73 15.44 16.21
CA ALA A 8 9.68 16.42 15.90
C ALA A 8 10.04 17.23 14.67
N SER A 9 11.33 17.53 14.50
CA SER A 9 11.76 18.31 13.34
C SER A 9 11.67 17.48 12.04
N LEU A 10 11.93 16.19 12.13
CA LEU A 10 11.75 15.30 10.96
C LEU A 10 10.28 15.30 10.54
N ILE A 11 9.36 15.19 11.50
CA ILE A 11 7.91 15.18 11.18
CA ILE A 11 7.95 15.16 11.11
C ILE A 11 7.50 16.52 10.55
N GLN A 12 7.96 17.61 11.17
CA GLN A 12 7.64 18.94 10.64
C GLN A 12 8.16 19.10 9.18
N LYS A 13 9.41 18.69 8.96
CA LYS A 13 9.96 18.75 7.60
C LYS A 13 9.24 17.82 6.59
N ALA A 14 8.73 16.67 7.07
CA ALA A 14 8.00 15.77 6.19
C ALA A 14 6.75 16.50 5.71
N LYS A 15 6.10 17.23 6.61
CA LYS A 15 4.90 17.97 6.26
C LYS A 15 5.24 19.10 5.30
N LEU A 16 6.36 19.78 5.51
CA LEU A 16 6.79 20.83 4.55
C LEU A 16 7.09 20.24 3.18
N ALA A 17 7.79 19.13 3.17
CA ALA A 17 8.15 18.45 1.91
C ALA A 17 6.89 18.02 1.18
N GLU A 18 5.86 17.60 1.90
CA GLU A 18 4.61 17.25 1.23
C GLU A 18 4.00 18.49 0.54
N GLN A 19 4.00 19.62 1.24
CA GLN A 19 3.48 20.88 0.64
C GLN A 19 4.25 21.29 -0.62
N ALA A 20 5.54 21.00 -0.60
CA ALA A 20 6.46 21.38 -1.65
C ALA A 20 6.50 20.34 -2.76
N GLU A 21 5.73 19.26 -2.56
CA GLU A 21 5.71 18.09 -3.48
CA GLU A 21 5.71 18.10 -3.49
C GLU A 21 7.09 17.46 -3.67
N ARG A 22 7.84 17.43 -2.56
CA ARG A 22 9.18 16.87 -2.56
C ARG A 22 9.10 15.52 -1.88
N TYR A 23 8.59 14.55 -2.60
CA TYR A 23 8.28 13.25 -1.96
C TYR A 23 9.47 12.37 -1.59
N GLU A 24 10.57 12.47 -2.32
CA GLU A 24 11.81 11.77 -1.94
CA GLU A 24 11.78 11.75 -1.91
C GLU A 24 12.28 12.30 -0.58
N ASP A 25 12.26 13.62 -0.44
CA ASP A 25 12.66 14.22 0.84
C ASP A 25 11.68 13.78 1.92
N MET A 26 10.40 13.82 1.57
CA MET A 26 9.37 13.47 2.55
C MET A 26 9.64 12.06 3.09
N ALA A 27 9.92 11.14 2.18
CA ALA A 27 10.19 9.76 2.58
C ALA A 27 11.43 9.65 3.43
N ALA A 28 12.50 10.37 3.05
CA ALA A 28 13.70 10.29 3.86
C ALA A 28 13.47 10.84 5.28
N PHE A 29 12.66 11.90 5.41
CA PHE A 29 12.36 12.45 6.74
C PHE A 29 11.55 11.43 7.54
N MET A 30 10.55 10.82 6.91
CA MET A 30 9.75 9.84 7.63
C MET A 30 10.56 8.57 7.97
N LYS A 31 11.45 8.14 7.06
CA LYS A 31 12.33 7.01 7.40
C LYS A 31 13.13 7.37 8.68
N GLY A 32 13.71 8.59 8.68
CA GLY A 32 14.41 9.08 9.88
C GLY A 32 13.57 9.05 11.14
N ALA A 33 12.30 9.48 11.02
CA ALA A 33 11.38 9.48 12.17
C ALA A 33 11.14 8.04 12.68
N VAL A 34 10.89 7.12 11.75
CA VAL A 34 10.65 5.72 12.16
C VAL A 34 11.90 5.22 12.87
N GLU A 35 13.06 5.59 12.33
CA GLU A 35 14.30 5.05 12.90
C GLU A 35 14.64 5.60 14.29
N LYS A 36 13.87 6.58 14.75
CA LYS A 36 13.98 6.98 16.15
C LYS A 36 13.51 5.92 17.15
N GLY A 37 12.72 4.93 16.68
CA GLY A 37 12.39 3.77 17.49
C GLY A 37 11.05 3.84 18.19
N GLU A 38 10.44 5.02 18.24
CA GLU A 38 9.14 5.21 18.88
CA GLU A 38 9.15 5.19 18.88
C GLU A 38 8.02 4.81 17.92
N GLU A 39 6.88 4.37 18.46
CA GLU A 39 5.73 4.07 17.61
C GLU A 39 5.28 5.35 16.91
N LEU A 40 4.52 5.20 15.83
CA LEU A 40 4.02 6.34 15.08
C LEU A 40 2.56 6.56 15.39
N SER A 41 2.15 7.81 15.48
CA SER A 41 0.74 8.14 15.60
C SER A 41 -0.02 7.98 14.26
N CYS A 42 -1.36 8.07 14.31
CA CYS A 42 -2.13 7.95 13.11
C CYS A 42 -1.65 8.92 12.03
N GLU A 43 -1.46 10.17 12.42
CA GLU A 43 -1.07 11.19 11.45
CA GLU A 43 -1.08 11.17 11.43
C GLU A 43 0.30 10.86 10.84
N GLU A 44 1.20 10.38 11.68
CA GLU A 44 2.60 10.05 11.26
C GLU A 44 2.60 8.82 10.33
N ARG A 45 1.77 7.81 10.64
CA ARG A 45 1.61 6.64 9.75
C ARG A 45 1.13 7.11 8.39
N ASN A 46 0.19 8.05 8.38
CA ASN A 46 -0.26 8.55 7.10
C ASN A 46 0.81 9.31 6.35
N LEU A 47 1.67 10.07 7.04
CA LEU A 47 2.79 10.75 6.36
C LEU A 47 3.76 9.76 5.74
N LEU A 48 4.06 8.69 6.48
CA LEU A 48 4.92 7.61 5.97
C LEU A 48 4.37 6.99 4.71
N SER A 49 3.08 6.65 4.73
CA SER A 49 2.45 6.04 3.58
C SER A 49 2.38 6.97 2.38
N VAL A 50 1.99 8.22 2.59
CA VAL A 50 1.90 9.17 1.45
C VAL A 50 3.29 9.33 0.79
N ALA A 51 4.33 9.41 1.62
CA ALA A 51 5.66 9.70 1.12
C ALA A 51 6.09 8.56 0.21
N TYR A 52 6.05 7.34 0.75
CA TYR A 52 6.52 6.21 -0.05
C TYR A 52 5.60 5.87 -1.24
N LYS A 53 4.28 6.08 -1.12
CA LYS A 53 3.41 5.77 -2.24
CA LYS A 53 3.32 5.86 -2.21
C LYS A 53 3.72 6.70 -3.41
N ASN A 54 4.05 7.97 -3.13
CA ASN A 54 4.41 8.88 -4.20
C ASN A 54 5.76 8.54 -4.81
N VAL A 55 6.72 8.14 -3.98
CA VAL A 55 8.05 7.78 -4.50
C VAL A 55 7.95 6.54 -5.37
N VAL A 56 7.36 5.47 -4.84
CA VAL A 56 7.29 4.22 -5.59
CA VAL A 56 7.29 4.23 -5.60
C VAL A 56 6.36 4.42 -6.79
N GLY A 57 5.35 5.29 -6.63
CA GLY A 57 4.44 5.57 -7.74
C GLY A 57 5.13 6.12 -8.96
N GLY A 58 5.99 7.11 -8.77
CA GLY A 58 6.81 7.64 -9.87
C GLY A 58 7.67 6.54 -10.52
N GLN A 59 8.24 5.67 -9.69
CA GLN A 59 9.08 4.55 -10.19
C GLN A 59 8.22 3.54 -10.98
N ARG A 60 7.02 3.23 -10.49
CA ARG A 60 6.18 2.20 -11.15
C ARG A 60 5.70 2.75 -12.50
N ALA A 61 5.37 4.04 -12.55
CA ALA A 61 4.92 4.68 -13.78
C ALA A 61 6.05 4.66 -14.79
N ALA A 62 7.28 4.95 -14.35
CA ALA A 62 8.42 4.92 -15.27
C ALA A 62 8.71 3.51 -15.75
N TRP A 63 8.68 2.57 -14.81
CA TRP A 63 8.92 1.17 -15.15
C TRP A 63 7.92 0.69 -16.19
N ARG A 64 6.67 1.09 -16.06
CA ARG A 64 5.64 0.69 -17.03
C ARG A 64 5.91 1.22 -18.43
N VAL A 65 6.31 2.49 -18.49
CA VAL A 65 6.67 3.11 -19.76
C VAL A 65 7.80 2.32 -20.39
N LEU A 66 8.84 2.04 -19.60
CA LEU A 66 10.03 1.40 -20.14
C LEU A 66 9.78 -0.03 -20.56
N SER A 67 9.01 -0.76 -19.73
CA SER A 67 8.65 -2.15 -20.02
CA SER A 67 8.66 -2.14 -20.04
C SER A 67 7.88 -2.24 -21.33
N SER A 68 7.00 -1.27 -21.57
CA SER A 68 6.22 -1.23 -22.81
CA SER A 68 6.21 -1.23 -22.80
C SER A 68 7.12 -1.07 -24.01
N ILE A 69 8.01 -0.07 -23.94
CA ILE A 69 9.01 0.19 -25.01
C ILE A 69 9.86 -1.07 -25.24
N GLU A 70 10.28 -1.73 -24.16
CA GLU A 70 11.14 -2.90 -24.26
C GLU A 70 10.41 -4.04 -24.99
N GLN A 71 9.15 -4.25 -24.62
CA GLN A 71 8.44 -5.40 -25.18
C GLN A 71 8.10 -5.15 -26.66
N LYS A 72 7.81 -3.91 -27.02
CA LYS A 72 7.71 -3.58 -28.45
C LYS A 72 9.03 -3.67 -29.23
N SER A 73 10.16 -3.45 -28.54
CA SER A 73 11.47 -3.66 -29.15
C SER A 73 11.78 -5.15 -29.34
N ASN A 74 10.99 -6.03 -28.72
CA ASN A 74 11.28 -7.46 -28.68
C ASN A 74 10.47 -8.32 -29.67
N GLY A 82 19.70 -2.40 -29.50
CA GLY A 82 20.80 -2.62 -28.56
C GLY A 82 20.33 -2.89 -27.13
N PRO A 83 21.24 -2.93 -26.17
CA PRO A 83 20.87 -3.27 -24.80
C PRO A 83 20.28 -2.12 -24.00
N GLU A 84 20.18 -0.91 -24.57
CA GLU A 84 19.90 0.27 -23.76
C GLU A 84 18.53 0.27 -23.09
N VAL A 85 17.48 -0.15 -23.78
CA VAL A 85 16.15 -0.12 -23.17
CA VAL A 85 16.14 -0.11 -23.15
C VAL A 85 16.08 -1.09 -21.97
N ARG A 86 16.56 -2.29 -22.18
CA ARG A 86 16.64 -3.28 -21.09
C ARG A 86 17.47 -2.74 -19.97
N GLU A 87 18.63 -2.14 -20.29
CA GLU A 87 19.50 -1.66 -19.23
C GLU A 87 18.83 -0.61 -18.37
N TYR A 88 18.15 0.33 -19.03
CA TYR A 88 17.54 1.44 -18.32
C TYR A 88 16.27 0.98 -17.55
N ARG A 89 15.51 0.06 -18.15
CA ARG A 89 14.40 -0.59 -17.40
C ARG A 89 14.93 -1.31 -16.15
N GLU A 90 16.02 -2.08 -16.28
CA GLU A 90 16.64 -2.73 -15.11
CA GLU A 90 16.66 -2.71 -15.10
C GLU A 90 17.12 -1.71 -14.06
N LYS A 91 17.64 -0.55 -14.48
CA LYS A 91 18.12 0.48 -13.53
C LYS A 91 16.95 0.97 -12.69
N VAL A 92 15.85 1.28 -13.38
CA VAL A 92 14.67 1.82 -12.72
C VAL A 92 14.08 0.72 -11.82
N GLU A 93 14.00 -0.50 -12.34
CA GLU A 93 13.57 -1.68 -11.57
C GLU A 93 14.36 -1.89 -10.26
N THR A 94 15.68 -1.75 -10.33
CA THR A 94 16.50 -1.95 -9.14
C THR A 94 16.25 -0.85 -8.11
N GLU A 95 16.01 0.36 -8.59
CA GLU A 95 15.82 1.46 -7.66
CA GLU A 95 15.80 1.50 -7.70
C GLU A 95 14.45 1.28 -7.01
N LEU A 96 13.49 0.80 -7.80
CA LEU A 96 12.15 0.51 -7.28
C LEU A 96 12.25 -0.59 -6.23
N GLN A 97 12.97 -1.66 -6.54
CA GLN A 97 13.16 -2.74 -5.58
C GLN A 97 13.79 -2.24 -4.30
N GLY A 98 14.75 -1.32 -4.42
CA GLY A 98 15.41 -0.78 -3.24
C GLY A 98 14.46 -0.03 -2.34
N VAL A 99 13.55 0.75 -2.92
CA VAL A 99 12.57 1.51 -2.13
C VAL A 99 11.61 0.54 -1.46
N CYS A 100 11.15 -0.47 -2.19
CA CYS A 100 10.28 -1.46 -1.55
C CYS A 100 10.98 -2.18 -0.42
N ASP A 101 12.23 -2.59 -0.64
CA ASP A 101 13.01 -3.23 0.43
C ASP A 101 13.18 -2.32 1.67
N THR A 102 13.32 -1.03 1.43
CA THR A 102 13.49 -0.03 2.50
C THR A 102 12.23 0.00 3.34
N VAL A 103 11.08 0.08 2.66
CA VAL A 103 9.80 0.16 3.38
C VAL A 103 9.56 -1.13 4.17
N LEU A 104 9.77 -2.25 3.50
CA LEU A 104 9.58 -3.54 4.16
C LEU A 104 10.51 -3.67 5.36
N GLY A 105 11.71 -3.13 5.23
CA GLY A 105 12.64 -3.10 6.34
C GLY A 105 12.18 -2.29 7.53
N LEU A 106 11.54 -1.15 7.28
CA LEU A 106 11.05 -0.33 8.36
C LEU A 106 9.90 -1.10 9.05
N LEU A 107 9.07 -1.74 8.23
CA LEU A 107 7.95 -2.51 8.80
C LEU A 107 8.43 -3.67 9.66
N ASP A 108 9.49 -4.34 9.21
CA ASP A 108 10.02 -5.48 9.96
C ASP A 108 10.90 -5.07 11.12
N SER A 109 11.43 -3.85 11.06
CA SER A 109 12.38 -3.38 12.08
C SER A 109 12.02 -1.97 12.57
N HIS A 110 10.98 -1.79 13.41
CA HIS A 110 10.25 -2.84 14.12
C HIS A 110 8.80 -2.42 14.23
N LEU A 111 8.28 -1.78 13.17
CA LEU A 111 6.93 -1.21 13.28
C LEU A 111 5.83 -2.25 13.56
N ILE A 112 5.82 -3.34 12.81
CA ILE A 112 4.75 -4.33 12.96
C ILE A 112 4.81 -4.97 14.34
N LYS A 113 6.01 -5.36 14.78
CA LYS A 113 6.08 -6.06 16.05
C LYS A 113 5.62 -5.22 17.24
N GLU A 114 5.75 -3.89 17.15
CA GLU A 114 5.31 -3.05 18.27
CA GLU A 114 5.37 -2.97 18.23
C GLU A 114 3.90 -2.54 18.14
N ALA A 115 3.26 -2.88 17.02
CA ALA A 115 1.90 -2.39 16.75
C ALA A 115 0.87 -3.32 17.36
N GLY A 116 0.28 -2.87 18.45
CA GLY A 116 -0.69 -3.69 19.20
C GLY A 116 -2.14 -3.32 18.97
N ASP A 117 -2.41 -2.07 18.61
CA ASP A 117 -3.79 -1.67 18.31
C ASP A 117 -4.17 -2.04 16.92
N ALA A 118 -5.45 -2.37 16.71
CA ALA A 118 -5.86 -2.80 15.37
C ALA A 118 -5.57 -1.77 14.27
N GLU A 119 -5.81 -0.47 14.55
CA GLU A 119 -5.62 0.57 13.54
CA GLU A 119 -5.62 0.58 13.54
C GLU A 119 -4.17 0.59 13.07
N SER A 120 -3.24 0.41 14.00
CA SER A 120 -1.83 0.46 13.61
CA SER A 120 -1.82 0.46 13.62
C SER A 120 -1.39 -0.84 12.96
N ARG A 121 -1.78 -1.98 13.56
CA ARG A 121 -1.36 -3.28 13.01
C ARG A 121 -1.92 -3.51 11.62
N VAL A 122 -3.22 -3.20 11.42
CA VAL A 122 -3.80 -3.35 10.07
C VAL A 122 -3.13 -2.41 9.08
N PHE A 123 -2.85 -1.15 9.49
CA PHE A 123 -2.18 -0.19 8.61
CA PHE A 123 -2.18 -0.18 8.61
C PHE A 123 -0.85 -0.76 8.11
N TYR A 124 -0.05 -1.28 9.04
CA TYR A 124 1.30 -1.70 8.66
C TYR A 124 1.26 -3.01 7.87
N LEU A 125 0.31 -3.91 8.17
CA LEU A 125 0.23 -5.16 7.40
C LEU A 125 -0.27 -4.86 5.99
N LYS A 126 -1.19 -3.92 5.84
CA LYS A 126 -1.58 -3.47 4.50
C LYS A 126 -0.37 -2.94 3.73
N MET A 127 0.43 -2.10 4.39
CA MET A 127 1.63 -1.58 3.73
CA MET A 127 1.63 -1.57 3.73
C MET A 127 2.57 -2.71 3.31
N LYS A 128 2.74 -3.70 4.19
CA LYS A 128 3.57 -4.83 3.84
C LYS A 128 3.03 -5.55 2.59
N GLY A 129 1.70 -5.77 2.54
CA GLY A 129 1.09 -6.37 1.35
C GLY A 129 1.33 -5.50 0.11
N ASP A 130 1.18 -4.18 0.25
CA ASP A 130 1.31 -3.29 -0.90
C ASP A 130 2.77 -3.33 -1.45
N TYR A 131 3.77 -3.28 -0.57
CA TYR A 131 5.17 -3.24 -1.07
C TYR A 131 5.67 -4.58 -1.64
N TYR A 132 5.21 -5.71 -1.06
CA TYR A 132 5.42 -6.99 -1.72
C TYR A 132 4.68 -7.04 -3.06
N ARG A 133 3.47 -6.45 -3.14
CA ARG A 133 2.76 -6.38 -4.41
C ARG A 133 3.58 -5.59 -5.46
N TYR A 134 4.19 -4.49 -5.06
CA TYR A 134 4.99 -3.73 -6.03
C TYR A 134 6.23 -4.52 -6.43
N LEU A 135 6.81 -5.26 -5.49
CA LEU A 135 7.90 -6.18 -5.90
C LEU A 135 7.38 -7.24 -6.86
N ALA A 136 6.18 -7.76 -6.60
CA ALA A 136 5.65 -8.79 -7.52
C ALA A 136 5.42 -8.31 -8.94
N GLU A 137 5.07 -7.03 -9.11
CA GLU A 137 4.79 -6.47 -10.44
C GLU A 137 6.00 -6.58 -11.35
N VAL A 138 7.18 -6.56 -10.77
CA VAL A 138 8.40 -6.58 -11.58
C VAL A 138 9.18 -7.90 -11.49
N ALA A 139 8.66 -8.87 -10.73
CA ALA A 139 9.36 -10.09 -10.41
C ALA A 139 9.18 -11.10 -11.53
N THR A 140 10.13 -12.00 -11.75
N THR A 140 10.29 -11.82 -11.76
CA THR A 140 9.84 -13.10 -12.70
CA THR A 140 10.51 -12.81 -12.82
C THR A 140 9.98 -14.53 -12.14
C THR A 140 11.44 -14.01 -12.43
N GLY A 141 9.10 -15.43 -12.59
N GLY A 141 12.00 -14.03 -11.22
CA GLY A 141 9.25 -16.88 -12.38
CA GLY A 141 12.99 -15.08 -10.87
C GLY A 141 8.81 -17.49 -11.06
C GLY A 141 12.47 -16.28 -10.06
N ASP A 142 9.77 -18.10 -10.36
N ASP A 142 13.37 -16.96 -9.35
CA ASP A 142 9.56 -18.73 -9.04
CA ASP A 142 13.01 -18.13 -8.54
C ASP A 142 9.82 -17.75 -7.91
C ASP A 142 12.10 -17.72 -7.38
N ASP A 143 11.07 -17.32 -7.79
N ASP A 143 12.06 -16.42 -7.12
CA ASP A 143 11.42 -16.28 -6.83
CA ASP A 143 11.28 -15.89 -6.01
C ASP A 143 10.13 -15.50 -6.50
C ASP A 143 9.93 -15.21 -6.34
N LYS A 144 9.52 -15.10 -7.61
CA LYS A 144 8.22 -14.47 -7.83
C LYS A 144 6.99 -15.09 -7.11
N LYS A 145 6.89 -16.41 -7.07
CA LYS A 145 5.80 -17.02 -6.28
C LYS A 145 5.89 -16.75 -4.80
N ARG A 146 7.11 -16.77 -4.25
CA ARG A 146 7.26 -16.50 -2.84
C ARG A 146 6.93 -15.03 -2.58
N ILE A 147 7.22 -14.13 -3.54
CA ILE A 147 6.91 -12.69 -3.32
C ILE A 147 5.37 -12.48 -3.30
N ILE A 148 4.69 -13.13 -4.24
CA ILE A 148 3.25 -13.08 -4.34
C ILE A 148 2.66 -13.65 -3.06
N ASP A 149 3.20 -14.76 -2.55
CA ASP A 149 2.62 -15.30 -1.34
CA ASP A 149 2.74 -15.39 -1.32
C ASP A 149 2.88 -14.44 -0.11
N SER A 150 4.03 -13.76 -0.06
CA SER A 150 4.29 -12.79 1.02
C SER A 150 3.28 -11.67 1.00
N ALA A 151 2.93 -11.18 -0.19
CA ALA A 151 1.90 -10.11 -0.27
C ALA A 151 0.55 -10.67 0.23
N ARG A 152 0.19 -11.85 -0.28
CA ARG A 152 -1.07 -12.49 0.09
CA ARG A 152 -1.10 -12.43 0.09
C ARG A 152 -1.17 -12.65 1.62
N SER A 153 -0.10 -13.18 2.18
CA SER A 153 -0.06 -13.48 3.61
CA SER A 153 -0.09 -13.49 3.61
C SER A 153 -0.24 -12.23 4.46
N ALA A 154 0.43 -11.14 4.08
CA ALA A 154 0.30 -9.88 4.82
C ALA A 154 -1.15 -9.32 4.73
N TYR A 155 -1.66 -9.26 3.50
CA TYR A 155 -3.02 -8.79 3.30
C TYR A 155 -4.01 -9.65 4.10
N GLN A 156 -3.81 -10.97 4.10
CA GLN A 156 -4.75 -11.88 4.77
C GLN A 156 -4.76 -11.63 6.26
N GLU A 157 -3.57 -11.50 6.88
CA GLU A 157 -3.48 -11.18 8.31
CA GLU A 157 -3.48 -11.16 8.31
C GLU A 157 -4.18 -9.84 8.61
N ALA A 158 -3.98 -8.85 7.75
CA ALA A 158 -4.58 -7.56 7.94
C ALA A 158 -6.10 -7.73 7.86
N MET A 159 -6.57 -8.51 6.89
CA MET A 159 -8.02 -8.67 6.68
CA MET A 159 -8.01 -8.68 6.67
C MET A 159 -8.61 -9.34 7.90
N ASP A 160 -7.94 -10.37 8.40
CA ASP A 160 -8.46 -11.12 9.56
C ASP A 160 -8.61 -10.23 10.79
N ILE A 161 -7.61 -9.36 11.06
CA ILE A 161 -7.71 -8.43 12.16
C ILE A 161 -8.80 -7.39 11.93
N SER A 162 -8.87 -6.87 10.69
CA SER A 162 -9.78 -5.78 10.34
C SER A 162 -11.24 -6.27 10.55
N LYS A 163 -11.52 -7.50 10.14
CA LYS A 163 -12.86 -8.06 10.26
C LYS A 163 -13.28 -8.28 11.70
N LYS A 164 -12.31 -8.58 12.56
CA LYS A 164 -12.59 -8.78 13.97
CA LYS A 164 -12.59 -8.78 13.97
C LYS A 164 -12.73 -7.48 14.76
N GLU A 165 -11.92 -6.48 14.41
CA GLU A 165 -11.68 -5.30 15.26
CA GLU A 165 -11.73 -5.32 15.29
C GLU A 165 -12.19 -3.97 14.74
N MET A 166 -12.63 -3.90 13.48
CA MET A 166 -13.02 -2.61 12.91
C MET A 166 -14.36 -2.70 12.26
N PRO A 167 -15.12 -1.60 12.26
CA PRO A 167 -16.40 -1.62 11.57
C PRO A 167 -16.17 -1.67 10.06
N PRO A 168 -17.17 -2.15 9.30
CA PRO A 168 -17.01 -2.30 7.86
C PRO A 168 -16.80 -1.00 7.13
N THR A 169 -17.08 0.14 7.75
CA THR A 169 -16.84 1.42 7.10
C THR A 169 -15.49 2.06 7.43
N ASN A 170 -14.72 1.43 8.31
CA ASN A 170 -13.46 2.06 8.70
C ASN A 170 -12.56 2.29 7.46
N PRO A 171 -12.05 3.53 7.22
CA PRO A 171 -11.31 3.76 5.97
C PRO A 171 -10.05 2.92 5.77
N ILE A 172 -9.39 2.52 6.86
CA ILE A 172 -8.22 1.62 6.71
CA ILE A 172 -8.24 1.59 6.82
C ILE A 172 -8.69 0.24 6.27
N ARG A 173 -9.74 -0.28 6.87
CA ARG A 173 -10.34 -1.56 6.44
C ARG A 173 -10.77 -1.49 4.98
N LEU A 174 -11.42 -0.39 4.60
CA LEU A 174 -11.86 -0.24 3.19
C LEU A 174 -10.68 -0.19 2.23
N GLY A 175 -9.68 0.58 2.58
CA GLY A 175 -8.48 0.69 1.71
C GLY A 175 -7.73 -0.61 1.59
N LEU A 176 -7.68 -1.35 2.69
CA LEU A 176 -7.06 -2.66 2.67
C LEU A 176 -7.83 -3.56 1.70
N ALA A 177 -9.16 -3.54 1.81
CA ALA A 177 -9.95 -4.44 0.96
C ALA A 177 -9.81 -4.06 -0.50
N LEU A 178 -9.82 -2.77 -0.75
CA LEU A 178 -9.60 -2.24 -2.11
C LEU A 178 -8.27 -2.77 -2.69
N ASN A 179 -7.20 -2.61 -1.92
CA ASN A 179 -5.87 -3.03 -2.41
C ASN A 179 -5.72 -4.52 -2.53
N PHE A 180 -6.36 -5.26 -1.63
CA PHE A 180 -6.28 -6.71 -1.72
C PHE A 180 -7.05 -7.18 -2.94
N SER A 181 -8.15 -6.49 -3.29
CA SER A 181 -8.91 -6.84 -4.49
CA SER A 181 -8.91 -6.83 -4.50
CA SER A 181 -8.92 -6.83 -4.49
C SER A 181 -8.06 -6.58 -5.73
N VAL A 182 -7.32 -5.47 -5.72
CA VAL A 182 -6.38 -5.18 -6.82
C VAL A 182 -5.27 -6.22 -6.89
N PHE A 183 -4.79 -6.66 -5.73
CA PHE A 183 -3.81 -7.77 -5.72
C PHE A 183 -4.44 -9.00 -6.43
N HIS A 184 -5.67 -9.38 -6.06
CA HIS A 184 -6.25 -10.58 -6.67
C HIS A 184 -6.38 -10.40 -8.18
N TYR A 185 -6.82 -9.20 -8.63
CA TYR A 185 -7.10 -8.99 -10.08
C TYR A 185 -5.82 -8.90 -10.92
N GLU A 186 -4.87 -8.14 -10.40
CA GLU A 186 -3.64 -7.84 -11.17
C GLU A 186 -2.47 -8.78 -10.93
N ILE A 187 -2.39 -9.41 -9.78
CA ILE A 187 -1.20 -10.16 -9.45
C ILE A 187 -1.46 -11.65 -9.39
N ALA A 188 -2.55 -12.04 -8.71
CA ALA A 188 -2.85 -13.44 -8.45
C ALA A 188 -3.68 -14.10 -9.56
N ASN A 189 -4.00 -13.36 -10.62
CA ASN A 189 -4.81 -13.90 -11.71
CA ASN A 189 -4.85 -13.84 -11.72
C ASN A 189 -6.13 -14.46 -11.18
N SER A 190 -6.73 -13.76 -10.22
CA SER A 190 -7.95 -14.24 -9.56
C SER A 190 -9.04 -13.18 -9.65
N PRO A 191 -9.49 -12.83 -10.87
CA PRO A 191 -10.47 -11.76 -11.03
C PRO A 191 -11.77 -12.05 -10.31
N GLU A 192 -12.17 -13.31 -10.22
CA GLU A 192 -13.43 -13.58 -9.52
C GLU A 192 -13.31 -13.27 -8.03
N GLU A 193 -12.17 -13.65 -7.42
CA GLU A 193 -11.93 -13.32 -6.02
C GLU A 193 -11.89 -11.79 -5.84
N ALA A 194 -11.29 -11.09 -6.82
CA ALA A 194 -11.21 -9.60 -6.77
C ALA A 194 -12.59 -8.96 -6.74
N ILE A 195 -13.42 -9.44 -7.67
CA ILE A 195 -14.78 -8.92 -7.81
C ILE A 195 -15.61 -9.27 -6.57
N SER A 196 -15.50 -10.51 -6.05
CA SER A 196 -16.26 -10.92 -4.85
CA SER A 196 -16.26 -10.90 -4.86
C SER A 196 -15.87 -10.08 -3.64
N LEU A 197 -14.55 -9.87 -3.50
CA LEU A 197 -14.09 -9.07 -2.38
C LEU A 197 -14.56 -7.63 -2.47
N ALA A 198 -14.44 -7.01 -3.65
CA ALA A 198 -14.82 -5.63 -3.79
C ALA A 198 -16.36 -5.48 -3.54
N LYS A 199 -17.12 -6.43 -4.07
CA LYS A 199 -18.61 -6.45 -3.93
CA LYS A 199 -18.60 -6.38 -3.92
C LYS A 199 -19.05 -6.54 -2.46
N THR A 200 -18.55 -7.57 -1.77
CA THR A 200 -18.90 -7.80 -0.38
CA THR A 200 -18.92 -7.77 -0.36
C THR A 200 -18.46 -6.60 0.50
N THR A 201 -17.24 -6.11 0.24
CA THR A 201 -16.76 -4.95 1.01
C THR A 201 -17.67 -3.75 0.80
N PHE A 202 -18.06 -3.51 -0.44
CA PHE A 202 -18.92 -2.36 -0.75
C PHE A 202 -20.27 -2.50 -0.04
N ASP A 203 -20.86 -3.69 -0.11
CA ASP A 203 -22.20 -3.92 0.43
C ASP A 203 -22.22 -3.84 1.95
N GLU A 204 -21.21 -4.39 2.60
CA GLU A 204 -21.21 -4.34 4.05
CA GLU A 204 -21.13 -4.36 4.06
C GLU A 204 -20.90 -2.92 4.52
N ALA A 205 -20.11 -2.15 3.75
CA ALA A 205 -19.90 -0.75 4.14
C ALA A 205 -21.22 0.03 3.99
N MET A 206 -21.89 -0.13 2.84
CA MET A 206 -23.17 0.56 2.62
CA MET A 206 -23.21 0.52 2.60
C MET A 206 -24.12 0.37 3.81
N ALA A 207 -24.22 -0.86 4.29
CA ALA A 207 -25.12 -1.20 5.41
C ALA A 207 -24.73 -0.55 6.75
N ASP A 208 -23.50 -0.05 6.86
CA ASP A 208 -22.99 0.50 8.12
C ASP A 208 -22.89 2.06 8.08
N LEU A 209 -23.15 2.63 6.91
CA LEU A 209 -23.07 4.09 6.77
C LEU A 209 -23.98 4.83 7.72
N HIS A 210 -25.13 4.25 8.07
CA HIS A 210 -26.09 4.98 8.88
C HIS A 210 -25.55 5.36 10.28
N THR A 211 -24.46 4.69 10.72
CA THR A 211 -23.89 4.84 12.04
C THR A 211 -22.91 6.02 12.06
N LEU A 212 -22.62 6.59 10.89
CA LEU A 212 -21.56 7.59 10.74
C LEU A 212 -22.02 9.05 10.83
N SER A 213 -21.13 9.88 11.36
CA SER A 213 -21.25 11.30 11.26
C SER A 213 -21.03 11.71 9.84
N GLU A 214 -21.30 13.00 9.55
CA GLU A 214 -21.17 13.55 8.22
CA GLU A 214 -21.22 13.42 8.19
C GLU A 214 -19.74 13.42 7.70
N ASP A 215 -18.78 13.73 8.58
CA ASP A 215 -17.38 13.68 8.13
C ASP A 215 -16.86 12.25 7.92
N SER A 216 -17.19 11.34 8.82
CA SER A 216 -16.88 9.91 8.65
C SER A 216 -17.54 9.37 7.38
N TYR A 217 -18.80 9.76 7.16
CA TYR A 217 -19.51 9.34 5.95
CA TYR A 217 -19.53 9.38 5.95
C TYR A 217 -18.75 9.76 4.70
N LYS A 218 -18.23 11.00 4.68
CA LYS A 218 -17.49 11.48 3.53
CA LYS A 218 -17.47 11.50 3.55
C LYS A 218 -16.23 10.63 3.32
N ASP A 219 -15.52 10.34 4.42
CA ASP A 219 -14.29 9.52 4.36
C ASP A 219 -14.56 8.13 3.74
N SER A 220 -15.59 7.48 4.26
CA SER A 220 -15.91 6.10 3.83
C SER A 220 -16.44 6.02 2.42
N THR A 221 -17.34 6.95 2.07
CA THR A 221 -17.93 6.87 0.76
C THR A 221 -16.90 7.15 -0.34
N LEU A 222 -15.89 7.97 -0.03
CA LEU A 222 -14.79 8.23 -0.99
CA LEU A 222 -14.83 8.25 -1.00
C LEU A 222 -14.15 6.90 -1.39
N ILE A 223 -13.80 6.07 -0.41
CA ILE A 223 -13.18 4.76 -0.71
C ILE A 223 -14.16 3.78 -1.34
N MET A 224 -15.41 3.80 -0.91
CA MET A 224 -16.42 2.93 -1.54
C MET A 224 -16.57 3.24 -3.04
N GLN A 225 -16.40 4.53 -3.42
CA GLN A 225 -16.48 4.92 -4.80
C GLN A 225 -15.31 4.31 -5.60
N LEU A 226 -14.12 4.22 -4.98
CA LEU A 226 -12.99 3.52 -5.61
C LEU A 226 -13.29 2.02 -5.84
N LEU A 227 -13.90 1.37 -4.84
CA LEU A 227 -14.35 -0.01 -5.03
C LEU A 227 -15.34 -0.11 -6.19
N ARG A 228 -16.29 0.81 -6.22
CA ARG A 228 -17.27 0.84 -7.32
CA ARG A 228 -17.27 0.90 -7.33
C ARG A 228 -16.60 1.05 -8.68
N ASP A 229 -15.62 1.96 -8.74
CA ASP A 229 -14.86 2.23 -9.97
C ASP A 229 -14.18 0.96 -10.48
N ASN A 230 -13.54 0.21 -9.57
CA ASN A 230 -12.92 -1.06 -9.97
C ASN A 230 -13.92 -2.06 -10.47
N LEU A 231 -15.04 -2.21 -9.77
CA LEU A 231 -16.07 -3.15 -10.16
C LEU A 231 -16.61 -2.82 -11.54
N THR A 232 -16.66 -1.54 -11.84
CA THR A 232 -17.12 -1.08 -13.15
C THR A 232 -16.11 -1.43 -14.22
N LEU A 233 -14.83 -1.25 -13.90
CA LEU A 233 -13.74 -1.61 -14.79
C LEU A 233 -13.68 -3.13 -14.99
N TRP A 234 -14.05 -3.91 -13.96
CA TRP A 234 -13.86 -5.37 -13.98
C TRP A 234 -15.05 -6.20 -14.45
N THR A 235 -16.21 -5.57 -14.55
CA THR A 235 -17.41 -6.27 -14.97
C THR A 235 -18.03 -5.60 -16.20
#